data_1TSN
#
_entry.id   1TSN
#
_cell.length_a   72.100
_cell.length_b   72.100
_cell.length_c   115.270
_cell.angle_alpha   90.00
_cell.angle_beta   90.00
_cell.angle_gamma   120.00
#
_symmetry.space_group_name_H-M   'P 31 2 1'
#
loop_
_entity.id
_entity.type
_entity.pdbx_description
1 polymer 'THYMIDYLATE SYNTHASE'
2 non-polymer 'PHOSPHATE ION'
3 non-polymer "5-FLUORO-2'-DEOXYURIDINE-5'-MONOPHOSPHATE"
4 non-polymer '5-METHYL-5,6,7,8-TETRAHYDROFOLIC ACID'
5 water water
#
_entity_poly.entity_id   1
_entity_poly.type   'polypeptide(L)'
_entity_poly.pdbx_seq_one_letter_code
;(CXM)KQYLELMQKVLDEGTQKNDRTGTGTLSIFGHQMRFNLQDGFPLVTTKRCHLRSIIHELLWFLQGDTNIAYLHENN
VTIWDEWADENGDLGPVYGKQWRAWPTPDGRHIDQITTVLNQLKNDPDSRRIIVSAWNVGELDKMALAPCHAFFQFYVAD
GKLSCQLYQRSCDVFLGLPFNIASYALLVHMMAQQCDLEVGDFVWTGGDTHLYSNHMDQTHLQLSREPRPLPKLIIKRKP
ESIFDYRFEDFEIEGYDPHPGIKAPVAI
;
_entity_poly.pdbx_strand_id   A
#
# COMPACT_ATOMS: atom_id res chain seq x y z
N LYS A 2 -8.60 11.74 9.88
CA LYS A 2 -10.00 11.55 10.29
C LYS A 2 -10.58 10.19 10.00
N GLN A 3 -10.55 9.78 8.75
CA GLN A 3 -11.05 8.49 8.30
C GLN A 3 -10.33 7.33 8.98
N TYR A 4 -9.04 7.41 9.17
CA TYR A 4 -8.26 6.35 9.80
C TYR A 4 -8.57 6.21 11.28
N LEU A 5 -8.75 7.31 12.02
CA LEU A 5 -9.09 7.26 13.44
C LEU A 5 -10.52 6.77 13.56
N GLU A 6 -11.38 7.12 12.64
CA GLU A 6 -12.73 6.59 12.60
C GLU A 6 -12.70 5.08 12.36
N LEU A 7 -11.79 4.52 11.61
CA LEU A 7 -11.70 3.08 11.40
C LEU A 7 -11.25 2.40 12.69
N MET A 8 -10.25 2.95 13.31
CA MET A 8 -9.71 2.46 14.56
C MET A 8 -10.82 2.34 15.62
N GLN A 9 -11.57 3.38 15.83
CA GLN A 9 -12.67 3.43 16.79
C GLN A 9 -13.72 2.37 16.53
N LYS A 10 -14.13 2.22 15.28
CA LYS A 10 -15.11 1.25 14.81
C LYS A 10 -14.59 -0.17 15.07
N VAL A 11 -13.31 -0.38 14.94
CA VAL A 11 -12.79 -1.72 15.23
C VAL A 11 -12.96 -1.94 16.74
N LEU A 12 -12.72 -0.89 17.49
CA LEU A 12 -12.80 -0.95 18.96
C LEU A 12 -14.24 -1.22 19.37
N ASP A 13 -15.14 -0.43 18.87
CA ASP A 13 -16.55 -0.55 19.18
C ASP A 13 -17.26 -1.73 18.54
N GLU A 14 -16.90 -2.22 17.40
CA GLU A 14 -17.59 -3.28 16.72
C GLU A 14 -16.86 -4.53 16.42
N GLY A 15 -15.60 -4.63 16.61
CA GLY A 15 -14.87 -5.85 16.30
C GLY A 15 -15.24 -6.98 17.22
N THR A 16 -15.15 -8.18 16.71
CA THR A 16 -15.38 -9.39 17.52
C THR A 16 -13.97 -9.97 17.64
N GLN A 17 -13.69 -10.60 18.73
CA GLN A 17 -12.43 -11.23 19.08
C GLN A 17 -12.30 -12.45 18.18
N LYS A 18 -11.15 -12.53 17.58
CA LYS A 18 -10.86 -13.59 16.60
C LYS A 18 -9.46 -14.12 16.82
N ASN A 19 -9.29 -15.40 16.66
CA ASN A 19 -8.01 -16.10 16.72
C ASN A 19 -7.38 -15.75 15.36
N ASP A 20 -6.08 -15.90 15.24
CA ASP A 20 -5.45 -15.60 13.94
C ASP A 20 -4.26 -16.53 13.75
N ARG A 21 -3.82 -16.58 12.50
CA ARG A 21 -2.68 -17.35 12.02
C ARG A 21 -1.48 -17.27 12.94
N THR A 22 -1.08 -16.04 13.29
CA THR A 22 0.04 -15.65 14.14
C THR A 22 -0.14 -16.06 15.59
N GLY A 23 -1.29 -16.40 16.05
CA GLY A 23 -1.50 -16.81 17.44
C GLY A 23 -1.65 -15.65 18.37
N THR A 24 -1.73 -14.46 17.79
CA THR A 24 -1.86 -13.22 18.58
C THR A 24 -3.26 -12.86 19.02
N GLY A 25 -4.30 -13.01 18.22
CA GLY A 25 -5.66 -12.64 18.66
C GLY A 25 -5.93 -11.23 18.15
N THR A 26 -7.11 -10.95 17.65
CA THR A 26 -7.40 -9.63 17.12
C THR A 26 -8.83 -9.28 17.42
N LEU A 27 -9.16 -8.05 17.17
CA LEU A 27 -10.54 -7.52 17.20
C LEU A 27 -10.76 -7.30 15.68
N SER A 28 -11.80 -7.86 15.12
CA SER A 28 -12.01 -7.81 13.70
C SER A 28 -13.29 -7.42 13.14
N ILE A 29 -13.28 -6.68 12.02
CA ILE A 29 -14.54 -6.31 11.33
C ILE A 29 -14.34 -6.80 9.90
N PHE A 30 -15.39 -7.09 9.17
CA PHE A 30 -15.30 -7.54 7.80
C PHE A 30 -15.91 -6.53 6.88
N GLY A 31 -15.20 -5.98 5.91
CA GLY A 31 -15.83 -5.04 4.98
C GLY A 31 -15.92 -3.63 5.50
N HIS A 32 -15.05 -2.82 4.89
CA HIS A 32 -14.93 -1.39 5.16
C HIS A 32 -14.42 -0.63 3.95
N GLN A 33 -14.94 0.57 3.79
CA GLN A 33 -14.52 1.35 2.60
C GLN A 33 -14.28 2.77 3.03
N MET A 34 -13.20 3.36 2.57
CA MET A 34 -12.88 4.78 2.90
C MET A 34 -12.34 5.38 1.61
N ARG A 35 -12.44 6.64 1.47
CA ARG A 35 -12.07 7.39 0.30
C ARG A 35 -11.24 8.59 0.66
N PHE A 36 -10.19 8.77 -0.13
CA PHE A 36 -9.26 9.91 0.03
C PHE A 36 -9.21 10.73 -1.24
N ASN A 37 -9.61 11.97 -1.18
CA ASN A 37 -9.49 12.78 -2.43
C ASN A 37 -8.02 13.23 -2.40
N LEU A 38 -7.25 12.89 -3.36
CA LEU A 38 -5.84 13.23 -3.31
C LEU A 38 -5.49 14.71 -3.47
N GLN A 39 -6.42 15.50 -3.88
CA GLN A 39 -6.27 16.94 -4.09
C GLN A 39 -6.32 17.69 -2.78
N ASP A 40 -6.71 17.07 -1.71
CA ASP A 40 -6.83 17.64 -0.40
C ASP A 40 -5.49 17.52 0.31
N GLY A 41 -4.67 16.61 -0.09
CA GLY A 41 -3.39 16.41 0.61
C GLY A 41 -2.96 14.95 0.44
N PHE A 42 -1.71 14.75 0.78
CA PHE A 42 -1.11 13.42 0.73
C PHE A 42 -1.58 12.75 2.04
N PRO A 43 -2.28 11.63 1.90
CA PRO A 43 -2.81 10.92 3.05
C PRO A 43 -1.76 10.09 3.75
N LEU A 44 -0.91 10.81 4.50
CA LEU A 44 0.11 10.26 5.37
C LEU A 44 -0.37 10.50 6.82
N VAL A 45 -0.51 9.48 7.65
CA VAL A 45 -0.93 9.61 9.04
C VAL A 45 -0.03 10.61 9.75
N THR A 46 -0.67 11.50 10.49
CA THR A 46 -0.12 12.54 11.32
C THR A 46 -0.18 12.26 12.80
N THR A 47 -1.07 11.36 13.25
CA THR A 47 -1.21 11.07 14.67
C THR A 47 -0.14 10.20 15.20
N LYS A 48 0.77 9.75 14.37
CA LYS A 48 1.99 9.00 14.67
C LYS A 48 2.96 9.30 13.53
N ARG A 49 4.26 9.41 13.74
CA ARG A 49 5.24 9.63 12.74
C ARG A 49 5.43 8.36 11.90
N CYS A 50 5.27 8.42 10.60
CA CYS A 50 5.45 7.34 9.67
C CYS A 50 6.81 7.37 9.03
N HIS A 51 7.41 6.26 8.87
CA HIS A 51 8.74 6.12 8.27
C HIS A 51 8.67 6.19 6.77
N LEU A 52 8.74 7.34 6.15
CA LEU A 52 8.69 7.51 4.70
C LEU A 52 9.74 6.79 3.90
N ARG A 53 10.93 6.79 4.41
CA ARG A 53 11.98 6.03 3.71
C ARG A 53 11.49 4.62 3.44
N SER A 54 10.86 3.91 4.36
CA SER A 54 10.39 2.52 4.20
C SER A 54 9.29 2.40 3.20
N ILE A 55 8.32 3.29 3.22
CA ILE A 55 7.18 3.34 2.33
C ILE A 55 7.60 3.54 0.87
N ILE A 56 8.45 4.53 0.61
CA ILE A 56 8.96 4.85 -0.69
C ILE A 56 9.73 3.74 -1.36
N HIS A 57 10.72 3.19 -0.76
CA HIS A 57 11.55 2.07 -1.20
C HIS A 57 10.79 0.77 -1.36
N GLU A 58 9.80 0.50 -0.53
CA GLU A 58 9.01 -0.72 -0.74
C GLU A 58 8.32 -0.53 -2.08
N LEU A 59 7.77 0.63 -2.37
CA LEU A 59 7.08 0.86 -3.63
C LEU A 59 7.98 0.71 -4.85
N LEU A 60 9.14 1.32 -4.80
CA LEU A 60 10.15 1.28 -5.85
C LEU A 60 10.63 -0.13 -6.08
N TRP A 61 10.69 -0.89 -5.00
CA TRP A 61 11.06 -2.31 -5.02
C TRP A 61 9.98 -3.09 -5.78
N PHE A 62 8.71 -2.88 -5.51
CA PHE A 62 7.60 -3.54 -6.19
C PHE A 62 7.72 -3.26 -7.69
N LEU A 63 7.92 -1.99 -8.07
CA LEU A 63 8.00 -1.58 -9.45
C LEU A 63 9.16 -2.16 -10.21
N GLN A 64 10.23 -2.54 -9.60
CA GLN A 64 11.35 -3.19 -10.27
C GLN A 64 11.02 -4.69 -10.51
N GLY A 65 10.08 -5.28 -9.86
CA GLY A 65 9.72 -6.70 -10.05
C GLY A 65 10.59 -7.54 -9.17
N ASP A 66 11.11 -7.00 -8.12
CA ASP A 66 12.02 -7.64 -7.17
C ASP A 66 11.28 -8.30 -6.03
N THR A 67 11.82 -9.44 -5.60
CA THR A 67 11.25 -10.18 -4.47
C THR A 67 12.30 -10.60 -3.43
N ASN A 68 13.49 -10.08 -3.65
CA ASN A 68 14.65 -10.34 -2.81
C ASN A 68 14.82 -9.11 -1.94
N ILE A 69 15.00 -9.27 -0.65
CA ILE A 69 15.03 -8.12 0.25
C ILE A 69 16.33 -7.35 0.19
N ALA A 70 17.27 -7.75 -0.64
CA ALA A 70 18.59 -7.13 -0.80
C ALA A 70 18.55 -5.65 -1.10
N TYR A 71 17.79 -5.25 -2.08
CA TYR A 71 17.66 -3.84 -2.42
C TYR A 71 17.18 -3.07 -1.22
N LEU A 72 16.31 -3.63 -0.41
CA LEU A 72 15.74 -3.02 0.78
C LEU A 72 16.89 -2.79 1.76
N HIS A 73 17.63 -3.84 2.00
CA HIS A 73 18.75 -3.82 2.95
C HIS A 73 19.76 -2.77 2.57
N GLU A 74 20.07 -2.75 1.31
CA GLU A 74 21.01 -1.78 0.73
C GLU A 74 20.56 -0.38 1.16
N ASN A 75 19.29 -0.14 1.29
CA ASN A 75 18.62 1.08 1.64
C ASN A 75 18.15 1.23 3.06
N ASN A 76 18.55 0.36 3.93
CA ASN A 76 18.18 0.41 5.35
C ASN A 76 16.69 0.35 5.65
N VAL A 77 16.05 -0.54 4.93
CA VAL A 77 14.63 -0.84 5.09
C VAL A 77 14.62 -2.28 5.56
N THR A 78 14.10 -2.51 6.74
CA THR A 78 14.06 -3.88 7.25
C THR A 78 12.72 -4.51 7.58
N ILE A 79 11.65 -3.98 7.02
CA ILE A 79 10.31 -4.43 7.29
C ILE A 79 9.89 -5.77 6.78
N TRP A 80 10.63 -6.34 5.83
CA TRP A 80 10.29 -7.63 5.22
C TRP A 80 11.20 -8.74 5.73
N ASP A 81 12.07 -8.41 6.66
CA ASP A 81 13.02 -9.35 7.23
C ASP A 81 12.40 -10.62 7.83
N GLU A 82 11.38 -10.56 8.61
CA GLU A 82 10.89 -11.75 9.24
C GLU A 82 10.39 -12.82 8.34
N TRP A 83 10.09 -12.52 7.11
CA TRP A 83 9.49 -13.48 6.20
C TRP A 83 10.44 -13.99 5.17
N ALA A 84 11.58 -13.38 4.98
CA ALA A 84 12.51 -13.81 3.91
C ALA A 84 13.22 -15.10 4.25
N ASP A 85 13.58 -15.90 3.27
CA ASP A 85 14.25 -17.18 3.43
C ASP A 85 15.70 -16.85 3.75
N GLU A 86 16.49 -17.90 3.72
CA GLU A 86 17.92 -17.92 4.04
C GLU A 86 18.69 -17.02 3.11
N ASN A 87 18.23 -16.98 1.88
CA ASN A 87 18.82 -16.18 0.80
C ASN A 87 18.19 -14.78 0.67
N GLY A 88 17.23 -14.45 1.50
CA GLY A 88 16.58 -13.15 1.43
C GLY A 88 15.43 -13.17 0.44
N ASP A 89 14.97 -14.32 0.06
CA ASP A 89 13.88 -14.50 -0.87
C ASP A 89 12.52 -14.61 -0.18
N LEU A 90 11.51 -14.04 -0.80
CA LEU A 90 10.14 -14.05 -0.36
C LEU A 90 9.25 -14.89 -1.28
N GLY A 91 9.79 -15.31 -2.41
CA GLY A 91 8.99 -16.06 -3.36
C GLY A 91 8.33 -15.02 -4.28
N PRO A 92 7.48 -15.51 -5.15
CA PRO A 92 6.90 -14.60 -6.16
C PRO A 92 5.83 -13.70 -5.65
N VAL A 93 6.15 -12.90 -4.64
CA VAL A 93 5.22 -11.92 -4.05
C VAL A 93 5.05 -10.75 -4.99
N TYR A 94 4.41 -9.68 -4.58
CA TYR A 94 4.04 -8.51 -5.29
C TYR A 94 4.79 -8.19 -6.56
N GLY A 95 6.03 -7.78 -6.48
CA GLY A 95 6.84 -7.35 -7.61
C GLY A 95 6.79 -8.29 -8.78
N LYS A 96 6.91 -9.58 -8.51
CA LYS A 96 6.88 -10.58 -9.58
C LYS A 96 5.57 -10.65 -10.28
N GLN A 97 4.38 -10.55 -9.63
CA GLN A 97 3.08 -10.64 -10.24
C GLN A 97 2.84 -9.38 -11.00
N TRP A 98 3.27 -8.28 -10.42
CA TRP A 98 3.07 -6.98 -11.09
C TRP A 98 3.85 -6.92 -12.39
N ARG A 99 5.09 -7.35 -12.37
CA ARG A 99 5.93 -7.24 -13.57
C ARG A 99 6.10 -8.43 -14.48
N ALA A 100 5.83 -9.64 -14.01
CA ALA A 100 6.01 -10.84 -14.79
C ALA A 100 5.15 -11.99 -14.33
N TRP A 101 3.85 -11.85 -14.46
CA TRP A 101 2.90 -12.95 -14.09
C TRP A 101 3.17 -14.06 -15.12
N PRO A 102 3.52 -15.20 -14.62
CA PRO A 102 3.84 -16.35 -15.47
C PRO A 102 2.54 -16.93 -15.99
N THR A 103 2.39 -17.27 -17.21
CA THR A 103 1.21 -17.80 -17.85
C THR A 103 1.36 -19.33 -18.03
N PRO A 104 0.18 -19.96 -18.17
CA PRO A 104 0.10 -21.41 -18.31
C PRO A 104 1.04 -21.74 -19.48
N ASP A 105 0.87 -21.02 -20.57
CA ASP A 105 1.64 -21.19 -21.78
C ASP A 105 3.06 -20.69 -21.77
N GLY A 106 3.65 -20.49 -20.61
CA GLY A 106 5.02 -20.06 -20.45
C GLY A 106 5.46 -18.66 -20.78
N ARG A 107 4.54 -17.71 -20.73
CA ARG A 107 4.77 -16.29 -21.04
C ARG A 107 4.83 -15.47 -19.74
N HIS A 108 5.23 -14.22 -19.85
CA HIS A 108 5.29 -13.33 -18.69
C HIS A 108 4.55 -12.08 -19.04
N ILE A 109 3.61 -11.73 -18.20
CA ILE A 109 2.84 -10.51 -18.37
C ILE A 109 3.23 -9.45 -17.36
N ASP A 110 3.51 -8.30 -17.94
CA ASP A 110 3.89 -7.07 -17.23
C ASP A 110 2.60 -6.27 -17.16
N GLN A 111 1.95 -6.32 -16.01
CA GLN A 111 0.62 -5.71 -15.83
C GLN A 111 0.77 -4.23 -15.74
N ILE A 112 1.91 -3.77 -15.26
CA ILE A 112 2.18 -2.33 -15.08
C ILE A 112 2.23 -1.57 -16.39
N THR A 113 2.89 -2.10 -17.37
CA THR A 113 3.08 -1.65 -18.73
C THR A 113 1.73 -1.85 -19.40
N THR A 114 1.06 -2.98 -19.21
CA THR A 114 -0.30 -3.11 -19.78
C THR A 114 -1.13 -1.92 -19.29
N VAL A 115 -1.16 -1.57 -18.02
CA VAL A 115 -1.93 -0.49 -17.45
C VAL A 115 -1.66 0.84 -18.08
N LEU A 116 -0.38 1.10 -18.30
CA LEU A 116 0.09 2.35 -18.95
C LEU A 116 -0.48 2.45 -20.36
N ASN A 117 -0.39 1.34 -21.07
CA ASN A 117 -1.00 1.28 -22.39
C ASN A 117 -2.48 1.54 -22.33
N GLN A 118 -3.24 1.01 -21.40
CA GLN A 118 -4.68 1.24 -21.33
C GLN A 118 -4.95 2.64 -20.92
N LEU A 119 -4.25 3.22 -19.98
CA LEU A 119 -4.51 4.59 -19.56
C LEU A 119 -4.21 5.57 -20.69
N LYS A 120 -3.23 5.35 -21.51
CA LYS A 120 -2.86 6.19 -22.66
C LYS A 120 -3.73 5.97 -23.88
N ASN A 121 -4.31 4.83 -24.15
CA ASN A 121 -5.14 4.49 -25.28
C ASN A 121 -6.61 4.18 -25.01
N ASP A 122 -6.97 3.87 -23.78
CA ASP A 122 -8.41 3.54 -23.59
C ASP A 122 -8.78 3.90 -22.17
N PRO A 123 -8.73 5.16 -21.82
CA PRO A 123 -9.03 5.59 -20.47
C PRO A 123 -10.37 5.27 -19.88
N ASP A 124 -11.35 5.00 -20.71
CA ASP A 124 -12.70 4.69 -20.21
C ASP A 124 -12.89 3.21 -19.92
N SER A 125 -11.87 2.44 -20.15
CA SER A 125 -11.90 1.00 -19.98
C SER A 125 -12.25 0.74 -18.52
N ARG A 126 -13.05 -0.27 -18.30
CA ARG A 126 -13.46 -0.69 -16.96
C ARG A 126 -12.64 -1.90 -16.63
N ARG A 127 -11.55 -2.21 -17.29
CA ARG A 127 -10.70 -3.33 -17.09
C ARG A 127 -9.26 -2.95 -16.77
N ILE A 128 -8.98 -1.81 -16.20
CA ILE A 128 -7.57 -1.44 -15.90
C ILE A 128 -7.24 -1.94 -14.52
N ILE A 129 -6.77 -3.17 -14.43
CA ILE A 129 -6.52 -3.81 -13.15
C ILE A 129 -5.18 -4.43 -13.02
N VAL A 130 -4.69 -4.41 -11.78
CA VAL A 130 -3.43 -5.12 -11.47
C VAL A 130 -3.85 -6.12 -10.32
N SER A 131 -3.47 -7.34 -10.49
CA SER A 131 -3.81 -8.36 -9.49
C SER A 131 -2.56 -9.02 -8.97
N ALA A 132 -2.33 -9.20 -7.72
CA ALA A 132 -1.16 -9.99 -7.24
C ALA A 132 -1.65 -11.39 -6.82
N TRP A 133 -2.94 -11.73 -6.92
CA TRP A 133 -3.47 -13.00 -6.46
C TRP A 133 -3.37 -13.99 -7.58
N ASN A 134 -2.23 -14.55 -7.74
CA ASN A 134 -1.98 -15.59 -8.77
C ASN A 134 -2.09 -16.92 -8.00
N VAL A 135 -3.24 -17.49 -8.16
CA VAL A 135 -3.63 -18.75 -7.53
C VAL A 135 -2.60 -19.84 -7.76
N GLY A 136 -1.95 -19.95 -8.87
CA GLY A 136 -1.03 -20.99 -9.23
C GLY A 136 0.32 -20.81 -8.61
N GLU A 137 0.53 -19.75 -7.84
CA GLU A 137 1.76 -19.47 -7.16
C GLU A 137 1.65 -19.10 -5.70
N LEU A 138 0.48 -19.03 -5.15
CA LEU A 138 0.31 -18.77 -3.71
C LEU A 138 1.15 -19.76 -2.93
N ASP A 139 1.22 -21.01 -3.32
CA ASP A 139 2.01 -21.92 -2.47
C ASP A 139 3.44 -21.58 -2.36
N LYS A 140 3.99 -20.76 -3.25
CA LYS A 140 5.40 -20.33 -3.21
C LYS A 140 5.73 -19.02 -2.54
N MET A 141 4.74 -18.23 -2.23
CA MET A 141 4.92 -16.93 -1.61
C MET A 141 5.04 -17.11 -0.09
N ALA A 142 5.92 -16.30 0.46
CA ALA A 142 6.16 -16.33 1.93
C ALA A 142 4.93 -15.94 2.71
N LEU A 143 4.19 -15.00 2.12
CA LEU A 143 2.94 -14.48 2.72
C LEU A 143 2.02 -14.25 1.52
N ALA A 144 0.75 -14.53 1.64
CA ALA A 144 -0.18 -14.21 0.55
C ALA A 144 -0.33 -12.69 0.49
N PRO A 145 -0.48 -12.14 -0.71
CA PRO A 145 -0.57 -10.71 -0.93
C PRO A 145 -1.60 -10.10 0.00
N CYS A 146 -1.32 -9.10 0.81
CA CYS A 146 -2.33 -8.49 1.66
C CYS A 146 -3.16 -7.51 0.88
N HIS A 147 -2.48 -6.67 0.12
CA HIS A 147 -3.13 -5.70 -0.80
C HIS A 147 -3.13 -6.50 -2.10
N ALA A 148 -4.24 -7.00 -2.58
CA ALA A 148 -4.21 -8.00 -3.63
C ALA A 148 -4.80 -7.67 -4.99
N PHE A 149 -5.40 -6.52 -5.18
CA PHE A 149 -6.00 -6.27 -6.51
C PHE A 149 -6.39 -4.81 -6.50
N PHE A 150 -6.04 -4.09 -7.52
CA PHE A 150 -6.43 -2.67 -7.57
C PHE A 150 -6.83 -2.33 -9.01
N GLN A 151 -7.72 -1.37 -9.08
CA GLN A 151 -8.32 -0.91 -10.33
C GLN A 151 -8.19 0.60 -10.49
N PHE A 152 -7.84 1.01 -11.72
CA PHE A 152 -7.71 2.44 -12.06
C PHE A 152 -8.97 2.87 -12.83
N TYR A 153 -9.24 4.15 -12.75
CA TYR A 153 -10.45 4.75 -13.34
C TYR A 153 -10.16 6.19 -13.75
N VAL A 154 -10.60 6.61 -14.91
CA VAL A 154 -10.37 7.99 -15.35
C VAL A 154 -11.68 8.68 -15.62
N ALA A 155 -11.90 9.84 -15.09
CA ALA A 155 -13.11 10.59 -15.38
C ALA A 155 -12.69 12.04 -15.14
N ASP A 156 -13.19 12.85 -16.03
CA ASP A 156 -12.94 14.31 -15.87
C ASP A 156 -11.45 14.63 -15.85
N GLY A 157 -10.67 13.86 -16.59
CA GLY A 157 -9.24 14.12 -16.57
C GLY A 157 -8.62 13.83 -15.23
N LYS A 158 -9.25 13.08 -14.36
CA LYS A 158 -8.58 12.73 -13.08
C LYS A 158 -8.44 11.22 -13.02
N LEU A 159 -7.37 10.77 -12.47
CA LEU A 159 -7.05 9.37 -12.20
C LEU A 159 -7.47 8.94 -10.79
N SER A 160 -8.28 7.91 -10.66
CA SER A 160 -8.67 7.34 -9.32
C SER A 160 -8.15 5.90 -9.20
N CYS A 161 -8.11 5.31 -8.06
CA CYS A 161 -7.67 3.92 -7.99
C CYS A 161 -8.43 3.31 -6.79
N GLN A 162 -8.81 2.06 -6.95
CA GLN A 162 -9.44 1.37 -5.81
C GLN A 162 -8.58 0.17 -5.48
N LEU A 163 -8.21 -0.02 -4.22
CA LEU A 163 -7.51 -1.20 -3.74
C LEU A 163 -8.46 -2.13 -2.94
N TYR A 164 -8.42 -3.42 -3.21
CA TYR A 164 -9.07 -4.47 -2.41
C TYR A 164 -7.92 -5.08 -1.58
N GLN A 165 -7.89 -4.80 -0.28
CA GLN A 165 -6.94 -5.31 0.72
C GLN A 165 -7.67 -6.38 1.50
N ARG A 166 -7.40 -7.64 1.27
CA ARG A 166 -8.04 -8.80 1.88
C ARG A 166 -7.90 -8.94 3.37
N SER A 167 -6.80 -8.46 3.91
CA SER A 167 -6.41 -8.50 5.31
C SER A 167 -5.63 -7.22 5.66
N CYS A 168 -5.99 -6.55 6.73
CA CYS A 168 -5.41 -5.33 7.16
C CYS A 168 -5.10 -5.16 8.63
N ASP A 169 -3.84 -5.00 8.96
CA ASP A 169 -3.39 -4.74 10.34
C ASP A 169 -3.56 -3.21 10.40
N VAL A 170 -4.58 -2.68 10.99
CA VAL A 170 -4.93 -1.31 11.10
C VAL A 170 -3.84 -0.45 11.71
N PHE A 171 -3.12 -0.92 12.70
CA PHE A 171 -2.11 -0.16 13.40
C PHE A 171 -0.81 -0.02 12.63
N LEU A 172 -0.18 -1.09 12.22
CA LEU A 172 1.06 -1.11 11.53
C LEU A 172 1.03 -1.01 10.01
N GLY A 173 0.21 -1.83 9.42
CA GLY A 173 0.01 -2.04 8.04
C GLY A 173 -0.71 -0.94 7.33
N LEU A 174 -1.90 -0.55 7.66
CA LEU A 174 -2.68 0.47 7.01
C LEU A 174 -2.00 1.77 6.69
N PRO A 175 -1.40 2.47 7.64
CA PRO A 175 -0.72 3.73 7.37
C PRO A 175 0.22 3.59 6.20
N PHE A 176 1.00 2.55 6.07
CA PHE A 176 1.88 2.22 4.98
C PHE A 176 1.14 1.97 3.66
N ASN A 177 0.11 1.17 3.55
CA ASN A 177 -0.68 0.81 2.41
C ASN A 177 -1.32 2.02 1.71
N ILE A 178 -1.88 2.87 2.55
CA ILE A 178 -2.52 4.10 2.13
C ILE A 178 -1.56 5.05 1.42
N ALA A 179 -0.48 5.41 2.04
CA ALA A 179 0.53 6.30 1.52
C ALA A 179 1.15 5.73 0.26
N SER A 180 1.49 4.45 0.28
CA SER A 180 2.07 3.68 -0.77
C SER A 180 1.26 3.79 -2.04
N TYR A 181 -0.02 3.52 -1.97
CA TYR A 181 -0.96 3.55 -3.06
C TYR A 181 -1.19 4.99 -3.48
N ALA A 182 -1.23 5.91 -2.57
CA ALA A 182 -1.43 7.33 -2.91
C ALA A 182 -0.25 7.76 -3.78
N LEU A 183 0.91 7.31 -3.43
CA LEU A 183 2.17 7.53 -4.13
C LEU A 183 2.08 6.99 -5.54
N LEU A 184 1.68 5.77 -5.77
CA LEU A 184 1.54 5.14 -7.07
C LEU A 184 0.55 5.91 -7.92
N VAL A 185 -0.54 6.42 -7.40
CA VAL A 185 -1.57 7.17 -8.13
C VAL A 185 -0.93 8.47 -8.67
N HIS A 186 -0.20 9.17 -7.83
CA HIS A 186 0.55 10.38 -8.16
C HIS A 186 1.54 10.06 -9.28
N MET A 187 2.35 9.00 -9.24
CA MET A 187 3.24 8.55 -10.26
C MET A 187 2.53 8.20 -11.53
N MET A 188 1.50 7.41 -11.57
CA MET A 188 0.81 7.01 -12.76
C MET A 188 0.23 8.24 -13.43
N ALA A 189 -0.39 9.13 -12.68
CA ALA A 189 -1.05 10.32 -13.16
C ALA A 189 -0.02 11.24 -13.79
N GLN A 190 1.17 11.38 -13.26
CA GLN A 190 2.21 12.24 -13.86
C GLN A 190 2.66 11.67 -15.19
N GLN A 191 2.84 10.36 -15.22
CA GLN A 191 3.22 9.64 -16.42
C GLN A 191 2.13 9.75 -17.46
N CYS A 192 0.85 9.80 -17.12
CA CYS A 192 -0.25 9.84 -18.05
C CYS A 192 -0.79 11.21 -18.26
N ASP A 193 -0.17 12.17 -17.65
CA ASP A 193 -0.69 13.55 -17.79
C ASP A 193 -2.10 13.72 -17.25
N LEU A 194 -2.39 13.21 -16.05
CA LEU A 194 -3.75 13.36 -15.50
C LEU A 194 -3.49 14.02 -14.18
N GLU A 195 -4.56 14.44 -13.62
CA GLU A 195 -4.57 15.02 -12.24
C GLU A 195 -4.98 13.83 -11.35
N VAL A 196 -4.75 13.91 -10.09
CA VAL A 196 -5.08 12.80 -9.18
C VAL A 196 -6.52 13.00 -8.80
N GLY A 197 -7.19 11.89 -8.58
CA GLY A 197 -8.55 11.92 -8.16
C GLY A 197 -8.56 11.32 -6.75
N ASP A 198 -9.30 10.22 -6.65
CA ASP A 198 -9.48 9.57 -5.36
C ASP A 198 -8.74 8.27 -5.23
N PHE A 199 -8.42 8.04 -4.00
CA PHE A 199 -7.86 6.75 -3.58
C PHE A 199 -9.04 6.14 -2.78
N VAL A 200 -9.55 5.01 -3.25
CA VAL A 200 -10.64 4.35 -2.51
C VAL A 200 -10.02 3.12 -1.85
N TRP A 201 -10.05 2.94 -0.55
CA TRP A 201 -9.49 1.74 0.08
C TRP A 201 -10.66 0.80 0.45
N THR A 202 -10.67 -0.47 0.06
CA THR A 202 -11.71 -1.37 0.52
C THR A 202 -11.08 -2.51 1.31
N GLY A 203 -11.53 -2.83 2.50
CA GLY A 203 -10.91 -3.93 3.28
C GLY A 203 -11.75 -5.17 3.49
N GLY A 204 -11.06 -6.28 3.66
CA GLY A 204 -11.76 -7.57 3.96
C GLY A 204 -11.67 -7.67 5.46
N ASP A 205 -10.89 -8.47 6.05
CA ASP A 205 -10.68 -8.66 7.49
C ASP A 205 -9.73 -7.56 7.92
N THR A 206 -10.37 -6.56 8.54
CA THR A 206 -9.70 -5.34 9.05
C THR A 206 -9.65 -5.44 10.58
N HIS A 207 -8.48 -5.53 11.14
CA HIS A 207 -8.31 -5.79 12.55
C HIS A 207 -7.23 -5.06 13.28
N LEU A 208 -7.30 -5.14 14.58
CA LEU A 208 -6.33 -4.54 15.51
C LEU A 208 -5.74 -5.75 16.25
N TYR A 209 -4.44 -5.93 16.27
CA TYR A 209 -3.89 -7.06 17.01
C TYR A 209 -4.15 -6.80 18.47
N SER A 210 -4.32 -7.84 19.29
CA SER A 210 -4.62 -7.65 20.72
C SER A 210 -3.48 -6.98 21.44
N ASN A 211 -2.23 -7.10 21.04
CA ASN A 211 -1.11 -6.45 21.70
C ASN A 211 -0.73 -5.11 21.06
N HIS A 212 -1.72 -4.37 20.61
CA HIS A 212 -1.66 -3.04 20.06
C HIS A 212 -2.78 -2.21 20.66
N MET A 213 -3.35 -2.64 21.75
CA MET A 213 -4.47 -1.91 22.37
C MET A 213 -4.04 -0.64 23.04
N ASP A 214 -2.92 -0.70 23.74
CA ASP A 214 -2.40 0.53 24.41
C ASP A 214 -2.01 1.59 23.38
N GLN A 215 -1.32 1.11 22.36
CA GLN A 215 -0.88 1.93 21.22
C GLN A 215 -2.13 2.54 20.66
N THR A 216 -3.22 1.87 20.52
CA THR A 216 -4.44 2.42 19.94
C THR A 216 -5.12 3.49 20.72
N HIS A 217 -5.18 3.28 21.99
CA HIS A 217 -5.84 4.28 22.89
C HIS A 217 -5.01 5.54 22.83
N LEU A 218 -3.72 5.34 22.86
CA LEU A 218 -2.75 6.43 22.79
C LEU A 218 -3.04 7.27 21.56
N GLN A 219 -2.88 6.76 20.37
CA GLN A 219 -3.11 7.43 19.10
C GLN A 219 -4.48 8.04 19.04
N LEU A 220 -5.51 7.38 19.48
CA LEU A 220 -6.89 7.85 19.45
C LEU A 220 -7.06 9.13 20.26
N SER A 221 -6.12 9.40 21.14
CA SER A 221 -6.24 10.64 21.95
C SER A 221 -5.56 11.85 21.33
N ARG A 222 -4.88 11.73 20.21
CA ARG A 222 -4.15 12.79 19.54
C ARG A 222 -5.04 13.39 18.49
N GLU A 223 -4.91 14.65 18.19
CA GLU A 223 -5.68 15.33 17.16
C GLU A 223 -4.84 15.40 15.86
N PRO A 224 -5.51 15.03 14.78
CA PRO A 224 -4.90 15.04 13.48
C PRO A 224 -4.44 16.46 13.12
N ARG A 225 -3.27 16.48 12.55
CA ARG A 225 -2.63 17.71 12.06
C ARG A 225 -2.96 17.71 10.58
N PRO A 226 -2.69 18.77 9.89
CA PRO A 226 -2.92 18.95 8.46
C PRO A 226 -2.09 18.08 7.54
N LEU A 227 -2.69 17.61 6.46
CA LEU A 227 -2.02 16.71 5.54
C LEU A 227 -0.92 17.50 4.86
N PRO A 228 0.16 16.78 4.64
CA PRO A 228 1.31 17.36 3.95
C PRO A 228 0.95 17.41 2.48
N LYS A 229 1.86 17.90 1.67
CA LYS A 229 1.81 18.00 0.23
C LYS A 229 2.95 17.21 -0.40
N LEU A 230 2.67 16.39 -1.40
CA LEU A 230 3.66 15.57 -2.09
C LEU A 230 4.12 16.40 -3.30
N ILE A 231 5.41 16.45 -3.46
CA ILE A 231 5.95 17.16 -4.61
C ILE A 231 6.77 16.13 -5.36
N ILE A 232 6.63 15.99 -6.61
CA ILE A 232 7.47 15.06 -7.39
C ILE A 232 8.31 16.08 -8.20
N LYS A 233 9.59 16.10 -7.98
CA LYS A 233 10.53 17.06 -8.52
C LYS A 233 10.88 16.99 -9.97
N ARG A 234 10.78 15.84 -10.56
CA ARG A 234 11.15 15.57 -11.96
C ARG A 234 10.16 14.54 -12.46
N LYS A 235 10.09 14.43 -13.77
CA LYS A 235 9.25 13.48 -14.46
C LYS A 235 10.17 12.50 -15.14
N PRO A 236 10.33 11.33 -14.59
CA PRO A 236 11.24 10.33 -15.16
C PRO A 236 10.74 9.96 -16.57
N GLU A 237 11.50 9.21 -17.32
CA GLU A 237 11.09 8.82 -18.63
C GLU A 237 10.03 7.72 -18.52
N SER A 238 10.07 6.95 -17.47
CA SER A 238 9.11 5.88 -17.28
C SER A 238 8.74 5.72 -15.80
N ILE A 239 7.67 4.95 -15.60
CA ILE A 239 7.19 4.60 -14.24
C ILE A 239 8.27 3.83 -13.54
N PHE A 240 9.17 3.24 -14.30
CA PHE A 240 10.28 2.45 -13.73
C PHE A 240 11.50 3.32 -13.47
N ASP A 241 11.46 4.63 -13.64
CA ASP A 241 12.68 5.40 -13.40
C ASP A 241 12.65 6.36 -12.24
N TYR A 242 11.71 6.27 -11.33
CA TYR A 242 11.67 7.22 -10.20
C TYR A 242 12.79 6.86 -9.23
N ARG A 243 13.19 7.88 -8.49
CA ARG A 243 14.25 7.65 -7.48
C ARG A 243 13.71 8.19 -6.16
N PHE A 244 14.24 7.76 -5.08
CA PHE A 244 13.77 8.17 -3.76
C PHE A 244 13.79 9.68 -3.69
N GLU A 245 14.90 10.21 -4.16
CA GLU A 245 15.19 11.65 -4.15
C GLU A 245 14.31 12.46 -5.03
N ASP A 246 13.40 11.91 -5.83
CA ASP A 246 12.51 12.61 -6.70
C ASP A 246 11.25 13.07 -5.94
N PHE A 247 11.04 12.58 -4.76
CA PHE A 247 9.83 12.91 -4.03
C PHE A 247 10.08 13.87 -2.89
N GLU A 248 9.16 14.73 -2.61
CA GLU A 248 9.32 15.64 -1.46
C GLU A 248 7.99 15.75 -0.77
N ILE A 249 8.02 15.54 0.52
CA ILE A 249 6.79 15.59 1.30
C ILE A 249 6.95 16.88 2.08
N GLU A 250 6.14 17.82 1.69
CA GLU A 250 6.13 19.16 2.25
C GLU A 250 5.13 19.42 3.36
N GLY A 251 5.64 19.79 4.52
CA GLY A 251 4.86 20.15 5.70
C GLY A 251 4.34 18.95 6.49
N TYR A 252 5.17 17.97 6.66
CA TYR A 252 4.75 16.78 7.39
C TYR A 252 5.16 17.12 8.81
N ASP A 253 4.24 17.26 9.72
CA ASP A 253 4.69 17.49 11.11
C ASP A 253 3.88 16.57 12.01
N PRO A 254 4.27 15.33 12.19
CA PRO A 254 3.52 14.40 12.97
C PRO A 254 3.74 14.39 14.45
N HIS A 255 2.80 13.79 15.17
CA HIS A 255 2.99 13.59 16.62
C HIS A 255 4.07 12.55 16.64
N PRO A 256 4.58 12.16 17.76
CA PRO A 256 5.66 11.16 17.81
C PRO A 256 5.20 9.76 17.47
N GLY A 257 6.13 8.99 17.04
CA GLY A 257 6.05 7.59 16.67
C GLY A 257 5.62 6.71 17.83
N ILE A 258 4.97 5.59 17.54
CA ILE A 258 4.50 4.68 18.60
C ILE A 258 5.04 3.31 18.24
N LYS A 259 5.84 2.69 19.04
CA LYS A 259 6.39 1.38 18.65
C LYS A 259 5.30 0.33 18.94
N ALA A 260 5.28 -0.69 18.15
CA ALA A 260 4.31 -1.79 18.37
C ALA A 260 5.00 -2.98 17.73
N PRO A 261 4.81 -4.11 18.37
CA PRO A 261 5.42 -5.37 17.85
C PRO A 261 4.64 -5.88 16.64
N VAL A 262 5.33 -6.43 15.67
CA VAL A 262 4.76 -7.02 14.46
C VAL A 262 4.45 -8.48 14.77
N ALA A 263 3.30 -8.94 14.32
CA ALA A 263 2.86 -10.33 14.53
C ALA A 263 3.36 -11.17 13.37
N ILE A 264 4.15 -12.20 13.58
CA ILE A 264 4.68 -13.06 12.55
C ILE A 264 4.00 -14.36 12.14
#